data_2LDE
#
_entry.id   2LDE
#
_entity_poly.entity_id   1
_entity_poly.type   'polypeptide(L)'
_entity_poly.pdbx_seq_one_letter_code
;CSCTDMSDLECMNFCHKDVIWVNRN
;
_entity_poly.pdbx_strand_id   A
#
# COMPACT_ATOMS: atom_id res chain seq x y z
N CYS A 1 5.58 3.02 6.26
CA CYS A 1 4.15 2.81 5.94
C CYS A 1 3.38 2.55 7.23
N SER A 2 2.49 3.47 7.59
CA SER A 2 1.69 3.33 8.80
C SER A 2 0.20 3.48 8.49
N CYS A 3 -0.54 2.39 8.60
CA CYS A 3 -1.98 2.44 8.43
C CYS A 3 -2.69 1.86 9.65
N THR A 4 -3.04 2.73 10.58
CA THR A 4 -3.75 2.31 11.79
C THR A 4 -4.94 3.23 12.03
N ASP A 5 -4.82 4.44 11.53
CA ASP A 5 -5.92 5.38 11.45
C ASP A 5 -6.57 5.21 10.08
N MET A 6 -6.39 4.02 9.55
CA MET A 6 -6.70 3.72 8.17
C MET A 6 -7.14 2.26 8.04
N SER A 7 -8.01 1.99 7.07
CA SER A 7 -8.55 0.67 6.88
C SER A 7 -7.56 -0.20 6.13
N ASP A 8 -8.00 -1.38 5.78
CA ASP A 8 -7.16 -2.36 5.09
C ASP A 8 -7.06 -2.01 3.61
N LEU A 9 -8.20 -1.72 2.99
CA LEU A 9 -8.24 -1.37 1.57
C LEU A 9 -7.48 -0.08 1.32
N GLU A 10 -7.73 0.91 2.17
CA GLU A 10 -7.07 2.21 2.03
C GLU A 10 -5.56 2.07 2.22
N CYS A 11 -5.16 1.19 3.13
CA CYS A 11 -3.75 0.93 3.37
C CYS A 11 -3.11 0.32 2.13
N MET A 12 -3.77 -0.70 1.57
CA MET A 12 -3.27 -1.36 0.38
C MET A 12 -3.16 -0.38 -0.78
N ASN A 13 -4.05 0.60 -0.81
CA ASN A 13 -4.03 1.62 -1.84
C ASN A 13 -2.73 2.41 -1.83
N PHE A 14 -2.49 3.15 -0.75
CA PHE A 14 -1.36 4.08 -0.71
C PHE A 14 -0.03 3.34 -0.52
N CYS A 15 -0.08 2.17 0.11
CA CYS A 15 1.14 1.48 0.50
C CYS A 15 1.55 0.44 -0.53
N HIS A 16 0.61 0.02 -1.36
CA HIS A 16 0.90 -1.01 -2.37
C HIS A 16 0.73 -0.45 -3.78
N LYS A 17 0.82 0.87 -3.92
CA LYS A 17 0.71 1.49 -5.24
C LYS A 17 2.06 1.66 -5.88
N ASP A 18 3.05 1.02 -5.30
CA ASP A 18 4.40 1.07 -5.82
C ASP A 18 5.03 -0.31 -5.81
N VAL A 19 4.18 -1.33 -5.71
CA VAL A 19 4.66 -2.70 -5.76
C VAL A 19 5.16 -3.02 -7.15
N ILE A 20 6.28 -3.72 -7.20
CA ILE A 20 6.95 -3.98 -8.47
C ILE A 20 6.53 -5.33 -9.04
N TRP A 21 5.93 -6.17 -8.21
CA TRP A 21 5.59 -7.53 -8.60
C TRP A 21 4.29 -7.61 -9.39
N VAL A 22 3.90 -6.49 -9.98
CA VAL A 22 2.67 -6.40 -10.75
C VAL A 22 2.90 -6.76 -12.21
N ASN A 23 4.02 -7.42 -12.45
CA ASN A 23 4.39 -7.86 -13.79
C ASN A 23 5.18 -9.15 -13.70
N ARG A 24 6.25 -9.11 -12.93
CA ARG A 24 7.08 -10.28 -12.67
C ARG A 24 7.04 -10.65 -11.20
N ASN A 25 6.86 -11.92 -10.92
CA ASN A 25 6.95 -12.44 -9.56
C ASN A 25 7.32 -13.92 -9.62
N CYS A 1 3.82 -1.32 5.35
CA CYS A 1 2.73 -0.36 5.12
C CYS A 1 2.22 0.20 6.45
N SER A 2 2.41 1.49 6.66
CA SER A 2 1.96 2.14 7.88
C SER A 2 0.57 2.75 7.67
N CYS A 3 -0.44 2.12 8.24
CA CYS A 3 -1.80 2.59 8.08
C CYS A 3 -2.21 3.41 9.29
N THR A 4 -1.92 4.71 9.25
CA THR A 4 -2.21 5.60 10.36
C THR A 4 -3.72 5.83 10.48
N ASP A 5 -4.35 5.05 11.36
CA ASP A 5 -5.81 5.06 11.55
C ASP A 5 -6.51 4.99 10.20
N MET A 6 -6.11 4.00 9.42
CA MET A 6 -6.54 3.88 8.03
C MET A 6 -7.23 2.54 7.82
N SER A 7 -8.18 2.51 6.90
CA SER A 7 -8.85 1.29 6.54
C SER A 7 -7.85 0.32 5.96
N ASP A 8 -7.91 -0.89 6.43
CA ASP A 8 -6.95 -1.93 6.04
C ASP A 8 -6.89 -2.12 4.52
N LEU A 9 -8.04 -2.03 3.86
CA LEU A 9 -8.11 -2.13 2.41
C LEU A 9 -7.53 -0.87 1.78
N GLU A 10 -7.82 0.27 2.39
CA GLU A 10 -7.31 1.56 1.93
C GLU A 10 -5.79 1.57 2.00
N CYS A 11 -5.27 0.99 3.07
CA CYS A 11 -3.84 0.90 3.30
C CYS A 11 -3.16 0.08 2.22
N MET A 12 -3.75 -1.06 1.89
CA MET A 12 -3.19 -1.92 0.84
C MET A 12 -3.28 -1.27 -0.52
N ASN A 13 -4.21 -0.33 -0.66
CA ASN A 13 -4.33 0.41 -1.91
C ASN A 13 -3.24 1.47 -2.02
N PHE A 14 -3.15 2.35 -1.04
CA PHE A 14 -2.23 3.49 -1.11
C PHE A 14 -0.77 3.03 -1.00
N CYS A 15 -0.52 1.99 -0.23
CA CYS A 15 0.84 1.53 0.01
C CYS A 15 1.36 0.68 -1.14
N HIS A 16 0.53 -0.23 -1.62
CA HIS A 16 0.96 -1.21 -2.62
C HIS A 16 1.11 -0.59 -4.01
N LYS A 17 0.57 0.61 -4.19
CA LYS A 17 0.61 1.25 -5.51
C LYS A 17 1.88 2.04 -5.72
N ASP A 18 2.71 2.06 -4.70
CA ASP A 18 3.93 2.84 -4.77
C ASP A 18 5.11 2.06 -4.20
N VAL A 19 4.93 0.75 -4.03
CA VAL A 19 6.00 -0.07 -3.50
C VAL A 19 7.17 -0.14 -4.46
N ILE A 20 8.31 0.31 -3.99
CA ILE A 20 9.51 0.31 -4.80
C ILE A 20 10.19 -1.05 -4.72
N TRP A 21 9.71 -1.87 -3.80
CA TRP A 21 10.25 -3.20 -3.57
C TRP A 21 9.36 -4.24 -4.19
N VAL A 22 8.65 -3.84 -5.22
CA VAL A 22 7.75 -4.73 -5.91
C VAL A 22 8.53 -5.86 -6.59
N ASN A 23 8.38 -7.06 -6.02
CA ASN A 23 8.94 -8.32 -6.54
C ASN A 23 10.24 -8.67 -5.86
N ARG A 24 10.58 -9.96 -5.93
CA ARG A 24 11.83 -10.51 -5.42
C ARG A 24 11.87 -10.57 -3.90
N ASN A 25 11.97 -9.39 -3.30
CA ASN A 25 12.26 -9.25 -1.87
C ASN A 25 13.66 -9.76 -1.57
N CYS A 1 5.29 1.60 7.36
CA CYS A 1 3.97 2.07 6.92
C CYS A 1 2.95 1.92 8.04
N SER A 2 2.65 3.03 8.69
CA SER A 2 1.68 3.05 9.78
C SER A 2 0.29 3.37 9.23
N CYS A 3 -0.55 2.37 9.21
CA CYS A 3 -1.89 2.52 8.69
C CYS A 3 -2.90 2.64 9.81
N THR A 4 -3.08 3.87 10.29
CA THR A 4 -3.93 4.13 11.45
C THR A 4 -5.32 4.55 11.01
N ASP A 5 -6.31 3.71 11.31
CA ASP A 5 -7.70 3.96 10.94
C ASP A 5 -7.85 4.00 9.42
N MET A 6 -6.89 3.40 8.75
CA MET A 6 -6.83 3.38 7.30
C MET A 6 -7.55 2.13 6.79
N SER A 7 -8.40 2.29 5.78
CA SER A 7 -9.26 1.21 5.32
C SER A 7 -8.48 0.13 4.57
N ASP A 8 -7.88 -0.79 5.34
CA ASP A 8 -7.16 -2.00 4.88
C ASP A 8 -6.46 -1.83 3.52
N LEU A 9 -7.23 -1.90 2.45
CA LEU A 9 -6.71 -1.77 1.09
C LEU A 9 -5.90 -0.48 0.96
N GLU A 10 -6.39 0.57 1.60
CA GLU A 10 -5.75 1.86 1.62
C GLU A 10 -4.34 1.77 2.18
N CYS A 11 -4.16 0.87 3.14
CA CYS A 11 -2.85 0.65 3.76
C CYS A 11 -1.85 0.21 2.70
N MET A 12 -2.27 -0.75 1.88
CA MET A 12 -1.42 -1.29 0.84
C MET A 12 -1.28 -0.29 -0.30
N ASN A 13 -2.34 0.46 -0.55
CA ASN A 13 -2.35 1.49 -1.58
C ASN A 13 -1.28 2.55 -1.30
N PHE A 14 -1.36 3.17 -0.12
CA PHE A 14 -0.45 4.26 0.20
C PHE A 14 0.98 3.75 0.38
N CYS A 15 1.12 2.59 1.00
CA CYS A 15 2.44 2.05 1.33
C CYS A 15 3.18 1.62 0.08
N HIS A 16 2.52 0.85 -0.78
CA HIS A 16 3.17 0.28 -1.94
C HIS A 16 2.93 1.11 -3.20
N LYS A 17 1.65 1.38 -3.48
CA LYS A 17 1.24 2.00 -4.74
C LYS A 17 1.55 1.07 -5.91
N ASP A 18 1.61 -0.22 -5.61
CA ASP A 18 1.80 -1.23 -6.62
C ASP A 18 0.51 -1.95 -6.88
N VAL A 19 -0.53 -1.46 -6.25
CA VAL A 19 -1.80 -2.11 -6.32
C VAL A 19 -2.47 -1.83 -7.64
N ILE A 20 -2.29 -2.74 -8.57
CA ILE A 20 -2.94 -2.69 -9.86
C ILE A 20 -4.26 -3.46 -9.77
N TRP A 21 -4.30 -4.35 -8.78
CA TRP A 21 -5.44 -5.22 -8.56
C TRP A 21 -6.51 -4.51 -7.73
N VAL A 22 -6.54 -3.21 -7.88
CA VAL A 22 -7.55 -2.37 -7.28
C VAL A 22 -8.53 -1.94 -8.36
N ASN A 23 -8.35 -2.56 -9.51
CA ASN A 23 -9.14 -2.27 -10.70
C ASN A 23 -10.51 -2.94 -10.61
N ARG A 24 -11.51 -2.15 -10.27
CA ARG A 24 -12.87 -2.64 -10.17
C ARG A 24 -13.73 -2.00 -11.25
N ASN A 25 -13.16 -1.01 -11.94
CA ASN A 25 -13.84 -0.35 -13.03
C ASN A 25 -12.83 0.04 -14.11
N CYS A 1 3.84 -1.46 5.35
CA CYS A 1 2.72 -0.50 5.22
C CYS A 1 2.22 -0.07 6.58
N SER A 2 2.41 1.20 6.90
CA SER A 2 1.97 1.75 8.18
C SER A 2 0.64 2.47 7.99
N CYS A 3 -0.42 1.89 8.53
CA CYS A 3 -1.76 2.43 8.36
C CYS A 3 -2.05 3.48 9.42
N THR A 4 -1.89 4.75 9.05
CA THR A 4 -2.19 5.84 9.95
C THR A 4 -3.67 6.22 9.85
N ASP A 5 -4.45 5.71 10.81
CA ASP A 5 -5.91 5.94 10.85
C ASP A 5 -6.55 5.46 9.54
N MET A 6 -5.95 4.43 8.95
CA MET A 6 -6.37 3.92 7.67
C MET A 6 -7.10 2.59 7.85
N SER A 7 -7.90 2.20 6.86
CA SER A 7 -8.59 0.95 6.89
C SER A 7 -7.65 -0.17 6.47
N ASP A 8 -8.20 -1.32 6.17
CA ASP A 8 -7.38 -2.48 5.80
C ASP A 8 -7.01 -2.43 4.32
N LEU A 9 -8.01 -2.63 3.46
CA LEU A 9 -7.81 -2.57 2.02
C LEU A 9 -7.31 -1.19 1.62
N GLU A 10 -7.88 -0.18 2.27
CA GLU A 10 -7.49 1.22 2.07
C GLU A 10 -5.99 1.40 2.32
N CYS A 11 -5.48 0.74 3.34
CA CYS A 11 -4.07 0.81 3.69
C CYS A 11 -3.22 0.17 2.60
N MET A 12 -3.70 -0.94 2.07
CA MET A 12 -2.99 -1.62 1.00
C MET A 12 -3.10 -0.82 -0.30
N ASN A 13 -4.14 0.00 -0.41
CA ASN A 13 -4.33 0.84 -1.59
C ASN A 13 -3.24 1.89 -1.70
N PHE A 14 -3.08 2.71 -0.66
CA PHE A 14 -2.13 3.82 -0.71
C PHE A 14 -0.70 3.33 -0.61
N CYS A 15 -0.51 2.18 0.04
CA CYS A 15 0.84 1.65 0.22
C CYS A 15 1.31 0.84 -1.00
N HIS A 16 0.45 -0.02 -1.53
CA HIS A 16 0.86 -0.94 -2.59
C HIS A 16 0.82 -0.29 -3.96
N LYS A 17 0.49 0.99 -4.01
CA LYS A 17 0.51 1.72 -5.27
C LYS A 17 1.89 2.32 -5.50
N ASP A 18 2.74 2.13 -4.53
CA ASP A 18 4.08 2.68 -4.57
C ASP A 18 5.11 1.61 -4.30
N VAL A 19 4.82 0.39 -4.73
CA VAL A 19 5.78 -0.70 -4.58
C VAL A 19 7.08 -0.36 -5.29
N ILE A 20 8.19 -0.47 -4.57
CA ILE A 20 9.47 -0.02 -5.08
C ILE A 20 10.13 -1.09 -5.95
N TRP A 21 9.47 -2.24 -6.09
CA TRP A 21 10.02 -3.34 -6.86
C TRP A 21 9.30 -3.55 -8.18
N VAL A 22 8.92 -2.46 -8.83
CA VAL A 22 8.26 -2.55 -10.13
C VAL A 22 9.25 -2.91 -11.22
N ASN A 23 9.20 -4.17 -11.66
CA ASN A 23 10.03 -4.69 -12.74
C ASN A 23 11.49 -4.85 -12.29
N ARG A 24 11.97 -6.09 -12.33
CA ARG A 24 13.31 -6.39 -11.84
C ARG A 24 14.26 -6.62 -13.02
N ASN A 25 13.69 -6.98 -14.16
CA ASN A 25 14.47 -7.22 -15.36
C ASN A 25 14.03 -6.28 -16.47
N CYS A 1 2.64 -2.14 6.55
CA CYS A 1 2.72 -0.66 6.39
C CYS A 1 2.02 0.04 7.54
N SER A 2 2.45 1.25 7.87
CA SER A 2 1.86 2.00 8.96
C SER A 2 0.54 2.63 8.51
N CYS A 3 -0.57 2.03 8.90
CA CYS A 3 -1.89 2.51 8.54
C CYS A 3 -2.41 3.45 9.62
N THR A 4 -2.25 4.75 9.40
CA THR A 4 -2.68 5.74 10.37
C THR A 4 -4.07 6.26 10.02
N ASP A 5 -5.03 5.94 10.88
CA ASP A 5 -6.43 6.38 10.69
C ASP A 5 -6.95 5.84 9.37
N MET A 6 -6.62 4.59 9.09
CA MET A 6 -6.85 3.99 7.79
C MET A 6 -7.04 2.49 7.92
N SER A 7 -7.91 1.93 7.10
CA SER A 7 -8.26 0.52 7.20
C SER A 7 -7.32 -0.32 6.36
N ASP A 8 -7.67 -1.59 6.24
CA ASP A 8 -6.80 -2.57 5.57
C ASP A 8 -6.71 -2.30 4.08
N LEU A 9 -7.85 -2.21 3.41
CA LEU A 9 -7.88 -2.00 1.97
C LEU A 9 -7.18 -0.70 1.62
N GLU A 10 -7.51 0.35 2.35
CA GLU A 10 -6.92 1.64 2.16
C GLU A 10 -5.41 1.58 2.33
N CYS A 11 -4.96 0.87 3.36
CA CYS A 11 -3.55 0.74 3.66
C CYS A 11 -2.81 0.00 2.56
N MET A 12 -3.43 -1.07 2.06
CA MET A 12 -2.86 -1.84 0.97
C MET A 12 -2.81 -1.00 -0.29
N ASN A 13 -3.84 -0.17 -0.48
CA ASN A 13 -3.87 0.73 -1.63
C ASN A 13 -2.68 1.68 -1.62
N PHE A 14 -2.60 2.54 -0.60
CA PHE A 14 -1.60 3.60 -0.60
C PHE A 14 -0.18 3.03 -0.55
N CYS A 15 -0.02 1.85 0.03
CA CYS A 15 1.30 1.27 0.21
C CYS A 15 1.72 0.46 -1.02
N HIS A 16 0.76 -0.09 -1.74
CA HIS A 16 1.07 -0.94 -2.89
C HIS A 16 0.84 -0.21 -4.22
N LYS A 17 0.33 1.01 -4.15
CA LYS A 17 -0.09 1.73 -5.36
C LYS A 17 1.07 2.19 -6.22
N ASP A 18 2.26 2.04 -5.72
CA ASP A 18 3.45 2.45 -6.47
C ASP A 18 4.56 1.43 -6.35
N VAL A 19 4.34 0.45 -5.49
CA VAL A 19 5.38 -0.50 -5.14
C VAL A 19 6.65 0.25 -4.69
N ILE A 20 6.49 1.05 -3.65
CA ILE A 20 7.59 1.78 -3.06
C ILE A 20 8.51 0.79 -2.32
N TRP A 21 7.96 -0.38 -2.07
CA TRP A 21 8.66 -1.46 -1.37
C TRP A 21 9.42 -2.33 -2.35
N VAL A 22 9.73 -1.76 -3.50
CA VAL A 22 10.41 -2.45 -4.57
C VAL A 22 11.80 -2.93 -4.11
N ASN A 23 11.86 -4.18 -3.70
CA ASN A 23 13.11 -4.81 -3.31
C ASN A 23 13.22 -6.16 -3.97
N ARG A 24 14.04 -6.21 -5.01
CA ARG A 24 14.16 -7.38 -5.86
C ARG A 24 15.37 -7.23 -6.77
N ASN A 25 15.60 -5.99 -7.17
CA ASN A 25 16.75 -5.59 -7.98
C ASN A 25 16.49 -4.20 -8.52
N CYS A 1 4.28 -0.27 5.36
CA CYS A 1 2.88 0.17 5.31
C CYS A 1 2.40 0.60 6.69
N SER A 2 2.47 1.89 6.97
CA SER A 2 2.00 2.42 8.24
C SER A 2 0.54 2.82 8.13
N CYS A 3 -0.35 1.93 8.53
CA CYS A 3 -1.77 2.18 8.44
C CYS A 3 -2.24 3.01 9.63
N THR A 4 -2.24 4.32 9.48
CA THR A 4 -2.69 5.20 10.53
C THR A 4 -4.12 5.65 10.29
N ASP A 5 -5.06 5.04 11.04
CA ASP A 5 -6.50 5.31 10.89
C ASP A 5 -6.97 4.87 9.51
N MET A 6 -6.17 4.00 8.90
CA MET A 6 -6.42 3.52 7.56
C MET A 6 -7.16 2.19 7.60
N SER A 7 -8.34 2.16 7.01
CA SER A 7 -9.16 0.96 7.02
C SER A 7 -8.60 -0.11 6.09
N ASP A 8 -7.73 -0.95 6.66
CA ASP A 8 -7.13 -2.15 6.02
C ASP A 8 -6.90 -2.01 4.52
N LEU A 9 -7.96 -2.19 3.74
CA LEU A 9 -7.88 -2.15 2.29
C LEU A 9 -7.32 -0.82 1.80
N GLU A 10 -7.67 0.25 2.50
CA GLU A 10 -7.19 1.57 2.15
C GLU A 10 -5.68 1.68 2.38
N CYS A 11 -5.18 0.91 3.35
CA CYS A 11 -3.75 0.86 3.62
C CYS A 11 -3.06 0.15 2.48
N MET A 12 -3.73 -0.84 1.92
CA MET A 12 -3.23 -1.59 0.78
C MET A 12 -3.17 -0.68 -0.43
N ASN A 13 -4.10 0.27 -0.50
CA ASN A 13 -4.14 1.21 -1.61
C ASN A 13 -2.95 2.16 -1.57
N PHE A 14 -2.85 2.94 -0.50
CA PHE A 14 -1.85 4.01 -0.44
C PHE A 14 -0.43 3.47 -0.35
N CYS A 15 -0.26 2.27 0.17
CA CYS A 15 1.06 1.73 0.38
C CYS A 15 1.52 0.82 -0.75
N HIS A 16 0.58 0.10 -1.37
CA HIS A 16 0.93 -0.88 -2.40
C HIS A 16 0.81 -0.28 -3.80
N LYS A 17 0.65 1.04 -3.87
CA LYS A 17 0.63 1.73 -5.15
C LYS A 17 2.02 2.22 -5.51
N ASP A 18 2.99 1.65 -4.84
CA ASP A 18 4.38 1.99 -5.08
C ASP A 18 5.23 0.74 -5.09
N VAL A 19 4.73 -0.29 -5.79
CA VAL A 19 5.46 -1.54 -5.90
C VAL A 19 6.77 -1.33 -6.63
N ILE A 20 7.83 -1.88 -6.10
CA ILE A 20 9.16 -1.64 -6.64
C ILE A 20 9.49 -2.65 -7.74
N TRP A 21 8.69 -3.70 -7.83
CA TRP A 21 8.96 -4.79 -8.77
C TRP A 21 8.30 -4.53 -10.13
N VAL A 22 8.33 -3.28 -10.57
CA VAL A 22 7.79 -2.91 -11.89
C VAL A 22 8.90 -2.98 -12.94
N ASN A 23 10.00 -3.60 -12.57
CA ASN A 23 11.16 -3.71 -13.43
C ASN A 23 11.75 -5.10 -13.38
N ARG A 24 12.01 -5.66 -14.56
CA ARG A 24 12.62 -6.97 -14.70
C ARG A 24 11.74 -8.07 -14.12
N ASN A 25 10.74 -8.46 -14.89
CA ASN A 25 9.80 -9.50 -14.50
C ASN A 25 9.40 -10.33 -15.71
N CYS A 1 3.39 -1.06 6.18
CA CYS A 1 3.21 0.41 6.26
C CYS A 1 2.39 0.76 7.50
N SER A 2 2.46 2.02 7.91
CA SER A 2 1.77 2.46 9.11
C SER A 2 0.39 3.05 8.74
N CYS A 3 -0.64 2.25 8.88
CA CYS A 3 -1.99 2.71 8.58
C CYS A 3 -2.67 3.23 9.84
N THR A 4 -2.70 4.55 9.98
CA THR A 4 -3.33 5.18 11.13
C THR A 4 -4.73 5.63 10.74
N ASP A 5 -5.73 4.96 11.31
CA ASP A 5 -7.15 5.19 10.98
C ASP A 5 -7.49 4.60 9.61
N MET A 6 -6.49 4.55 8.73
CA MET A 6 -6.61 3.97 7.41
C MET A 6 -7.05 2.52 7.53
N SER A 7 -8.16 2.18 6.89
CA SER A 7 -8.79 0.89 7.08
C SER A 7 -8.33 -0.14 6.05
N ASP A 8 -7.46 -1.04 6.52
CA ASP A 8 -7.01 -2.24 5.79
C ASP A 8 -6.77 -2.03 4.30
N LEU A 9 -7.84 -2.11 3.55
CA LEU A 9 -7.80 -2.02 2.09
C LEU A 9 -7.14 -0.72 1.64
N GLU A 10 -7.54 0.38 2.24
CA GLU A 10 -7.01 1.68 1.89
C GLU A 10 -5.52 1.76 2.25
N CYS A 11 -5.13 1.02 3.27
CA CYS A 11 -3.72 0.98 3.67
C CYS A 11 -2.90 0.33 2.58
N MET A 12 -3.36 -0.81 2.09
CA MET A 12 -2.64 -1.53 1.04
C MET A 12 -2.49 -0.66 -0.20
N ASN A 13 -3.49 0.17 -0.47
CA ASN A 13 -3.44 1.10 -1.60
C ASN A 13 -2.24 2.05 -1.49
N PHE A 14 -2.18 2.83 -0.41
CA PHE A 14 -1.10 3.82 -0.26
C PHE A 14 0.20 3.11 0.13
N CYS A 15 0.10 1.86 0.53
CA CYS A 15 1.28 1.08 0.92
C CYS A 15 1.96 0.47 -0.30
N HIS A 16 1.17 -0.19 -1.17
CA HIS A 16 1.75 -0.90 -2.29
C HIS A 16 2.26 0.07 -3.36
N LYS A 17 1.68 1.27 -3.39
CA LYS A 17 2.15 2.36 -4.26
C LYS A 17 2.35 1.93 -5.71
N ASP A 18 1.53 0.97 -6.17
CA ASP A 18 1.55 0.49 -7.54
C ASP A 18 2.88 -0.15 -7.90
N VAL A 19 3.69 -0.38 -6.88
CA VAL A 19 5.04 -0.89 -7.06
C VAL A 19 5.80 -0.03 -8.08
N ILE A 20 5.70 1.27 -7.88
CA ILE A 20 6.45 2.24 -8.68
C ILE A 20 7.90 2.28 -8.19
N TRP A 21 8.11 1.69 -7.02
CA TRP A 21 9.41 1.66 -6.38
C TRP A 21 10.27 0.52 -6.90
N VAL A 22 10.03 0.14 -8.13
CA VAL A 22 10.79 -0.91 -8.78
C VAL A 22 11.82 -0.27 -9.72
N ASN A 23 11.87 1.04 -9.64
CA ASN A 23 12.79 1.82 -10.44
C ASN A 23 13.71 2.61 -9.54
N ARG A 24 15.00 2.33 -9.62
CA ARG A 24 15.98 2.95 -8.74
C ARG A 24 17.37 2.82 -9.33
N ASN A 25 18.34 3.44 -8.69
CA ASN A 25 19.73 3.38 -9.12
C ASN A 25 20.62 3.64 -7.91
N CYS A 1 4.31 -0.55 6.66
CA CYS A 1 2.97 0.01 6.39
C CYS A 1 2.29 0.38 7.71
N SER A 2 2.24 1.66 8.00
CA SER A 2 1.59 2.15 9.20
C SER A 2 0.25 2.77 8.85
N CYS A 3 -0.82 2.04 9.13
CA CYS A 3 -2.16 2.48 8.76
C CYS A 3 -2.80 3.27 9.91
N THR A 4 -2.78 4.58 9.80
CA THR A 4 -3.36 5.42 10.82
C THR A 4 -4.80 5.78 10.49
N ASP A 5 -5.73 5.08 11.12
CA ASP A 5 -7.16 5.29 10.93
C ASP A 5 -7.55 5.00 9.48
N MET A 6 -6.77 4.14 8.83
CA MET A 6 -7.00 3.79 7.45
C MET A 6 -7.52 2.36 7.36
N SER A 7 -8.36 2.10 6.37
CA SER A 7 -8.98 0.79 6.24
C SER A 7 -8.13 -0.13 5.38
N ASP A 8 -7.46 -1.06 6.07
CA ASP A 8 -6.71 -2.19 5.48
C ASP A 8 -6.29 -2.02 4.02
N LEU A 9 -7.24 -2.22 3.13
CA LEU A 9 -6.98 -2.22 1.69
C LEU A 9 -6.35 -0.91 1.25
N GLU A 10 -6.88 0.19 1.77
CA GLU A 10 -6.40 1.52 1.42
C GLU A 10 -4.94 1.67 1.86
N CYS A 11 -4.62 1.06 2.98
CA CYS A 11 -3.28 1.11 3.54
C CYS A 11 -2.30 0.41 2.60
N MET A 12 -2.74 -0.71 2.04
CA MET A 12 -1.92 -1.45 1.11
C MET A 12 -1.79 -0.69 -0.21
N ASN A 13 -2.82 0.06 -0.56
CA ASN A 13 -2.79 0.88 -1.75
C ASN A 13 -1.69 1.93 -1.69
N PHE A 14 -1.72 2.77 -0.65
CA PHE A 14 -0.77 3.88 -0.55
C PHE A 14 0.62 3.38 -0.16
N CYS A 15 0.68 2.39 0.73
CA CYS A 15 1.96 1.92 1.24
C CYS A 15 2.72 1.14 0.17
N HIS A 16 1.99 0.48 -0.72
CA HIS A 16 2.62 -0.32 -1.76
C HIS A 16 2.68 0.46 -3.08
N LYS A 17 2.18 1.70 -3.05
CA LYS A 17 2.22 2.60 -4.20
C LYS A 17 1.63 1.96 -5.45
N ASP A 18 0.40 1.47 -5.33
CA ASP A 18 -0.33 0.85 -6.44
C ASP A 18 0.40 -0.36 -6.99
N VAL A 19 1.41 -0.81 -6.27
CA VAL A 19 2.26 -1.90 -6.72
C VAL A 19 2.97 -1.49 -8.01
N ILE A 20 3.92 -0.58 -7.85
CA ILE A 20 4.75 -0.13 -8.96
C ILE A 20 5.94 -1.06 -9.14
N TRP A 21 6.17 -1.87 -8.11
CA TRP A 21 7.29 -2.81 -8.09
C TRP A 21 6.94 -4.09 -8.84
N VAL A 22 6.51 -3.93 -10.08
CA VAL A 22 6.13 -5.06 -10.93
C VAL A 22 7.35 -5.62 -11.63
N ASN A 23 8.50 -5.20 -11.11
CA ASN A 23 9.81 -5.59 -11.62
C ASN A 23 10.05 -4.96 -12.99
N ARG A 24 9.24 -3.96 -13.28
CA ARG A 24 9.36 -3.17 -14.49
C ARG A 24 8.60 -1.86 -14.28
N ASN A 25 8.98 -0.83 -15.00
CA ASN A 25 8.30 0.45 -14.87
C ASN A 25 7.49 0.72 -16.11
N CYS A 1 5.21 1.07 5.34
CA CYS A 1 4.05 1.98 5.22
C CYS A 1 3.20 1.93 6.48
N SER A 2 3.05 3.07 7.14
CA SER A 2 2.30 3.16 8.39
C SER A 2 0.82 3.41 8.11
N CYS A 3 0.02 2.37 8.26
CA CYS A 3 -1.41 2.49 8.11
C CYS A 3 -2.06 2.71 9.48
N THR A 4 -2.32 3.97 9.79
CA THR A 4 -2.85 4.32 11.10
C THR A 4 -4.23 4.93 10.95
N ASP A 5 -5.19 4.33 11.64
CA ASP A 5 -6.59 4.77 11.59
C ASP A 5 -7.15 4.56 10.19
N MET A 6 -6.45 3.73 9.43
CA MET A 6 -6.78 3.48 8.05
C MET A 6 -7.23 2.04 7.87
N SER A 7 -8.36 1.86 7.21
CA SER A 7 -9.01 0.57 7.11
C SER A 7 -8.48 -0.25 5.95
N ASP A 8 -7.70 -1.26 6.30
CA ASP A 8 -7.23 -2.36 5.42
C ASP A 8 -7.12 -1.99 3.93
N LEU A 9 -8.27 -1.95 3.27
CA LEU A 9 -8.33 -1.68 1.84
C LEU A 9 -7.63 -0.38 1.50
N GLU A 10 -7.91 0.66 2.29
CA GLU A 10 -7.31 1.97 2.08
C GLU A 10 -5.81 1.92 2.33
N CYS A 11 -5.41 1.04 3.25
CA CYS A 11 -4.00 0.79 3.53
C CYS A 11 -3.33 0.22 2.28
N MET A 12 -4.01 -0.72 1.63
CA MET A 12 -3.48 -1.32 0.43
C MET A 12 -3.45 -0.31 -0.70
N ASN A 13 -4.48 0.53 -0.79
CA ASN A 13 -4.54 1.57 -1.82
C ASN A 13 -3.32 2.49 -1.75
N PHE A 14 -2.88 2.80 -0.53
CA PHE A 14 -1.80 3.75 -0.34
C PHE A 14 -0.43 3.07 -0.29
N CYS A 15 -0.39 1.80 0.10
CA CYS A 15 0.88 1.10 0.23
C CYS A 15 1.22 0.33 -1.04
N HIS A 16 0.20 -0.08 -1.80
CA HIS A 16 0.42 -0.88 -3.01
C HIS A 16 0.76 -0.01 -4.21
N LYS A 17 1.09 1.25 -3.97
CA LYS A 17 1.52 2.14 -5.04
C LYS A 17 3.03 2.15 -5.12
N ASP A 18 3.63 1.31 -4.31
CA ASP A 18 5.06 1.19 -4.27
C ASP A 18 5.48 -0.22 -4.63
N VAL A 19 4.58 -0.93 -5.33
CA VAL A 19 4.86 -2.29 -5.75
C VAL A 19 5.98 -2.31 -6.79
N ILE A 20 7.04 -3.04 -6.47
CA ILE A 20 8.20 -3.10 -7.35
C ILE A 20 7.91 -4.02 -8.54
N TRP A 21 6.90 -4.87 -8.37
CA TRP A 21 6.49 -5.80 -9.39
C TRP A 21 5.38 -5.20 -10.25
N VAL A 22 5.47 -3.90 -10.45
CA VAL A 22 4.49 -3.16 -11.23
C VAL A 22 4.53 -3.60 -12.70
N ASN A 23 3.59 -4.46 -13.05
CA ASN A 23 3.42 -4.90 -14.43
C ASN A 23 1.95 -5.22 -14.66
N ARG A 24 1.53 -6.37 -14.16
CA ARG A 24 0.13 -6.78 -14.21
C ARG A 24 -0.03 -8.11 -13.46
N ASN A 25 -0.51 -8.03 -12.23
CA ASN A 25 -0.65 -9.22 -11.41
C ASN A 25 -2.09 -9.69 -11.40
N CYS A 1 5.66 0.17 6.33
CA CYS A 1 4.30 0.54 5.89
C CYS A 1 3.33 0.41 7.07
N SER A 2 2.99 1.54 7.67
CA SER A 2 2.10 1.57 8.82
C SER A 2 0.75 2.14 8.44
N CYS A 3 -0.32 1.52 8.93
CA CYS A 3 -1.66 1.99 8.63
C CYS A 3 -2.19 2.83 9.78
N THR A 4 -2.33 4.12 9.55
CA THR A 4 -2.88 5.02 10.53
C THR A 4 -4.06 5.78 9.94
N ASP A 5 -5.21 5.68 10.61
CA ASP A 5 -6.47 6.27 10.13
C ASP A 5 -6.90 5.61 8.83
N MET A 6 -6.35 4.43 8.57
CA MET A 6 -6.61 3.72 7.35
C MET A 6 -7.21 2.35 7.65
N SER A 7 -8.09 1.89 6.78
CA SER A 7 -8.61 0.55 6.87
C SER A 7 -7.63 -0.39 6.18
N ASP A 8 -7.96 -1.65 6.17
CA ASP A 8 -7.04 -2.67 5.67
C ASP A 8 -6.87 -2.54 4.16
N LEU A 9 -7.98 -2.31 3.45
CA LEU A 9 -7.94 -2.12 2.02
C LEU A 9 -7.34 -0.76 1.68
N GLU A 10 -7.77 0.26 2.41
CA GLU A 10 -7.31 1.62 2.18
C GLU A 10 -5.80 1.73 2.39
N CYS A 11 -5.31 1.00 3.39
CA CYS A 11 -3.88 0.96 3.66
C CYS A 11 -3.14 0.34 2.49
N MET A 12 -3.72 -0.71 1.93
CA MET A 12 -3.11 -1.37 0.79
C MET A 12 -3.18 -0.49 -0.45
N ASN A 13 -4.15 0.40 -0.50
CA ASN A 13 -4.27 1.35 -1.60
C ASN A 13 -3.05 2.26 -1.64
N PHE A 14 -2.85 3.05 -0.59
CA PHE A 14 -1.77 4.03 -0.59
C PHE A 14 -0.40 3.35 -0.52
N CYS A 15 -0.36 2.16 0.06
CA CYS A 15 0.89 1.45 0.28
C CYS A 15 1.30 0.63 -0.95
N HIS A 16 0.33 0.07 -1.67
CA HIS A 16 0.63 -0.83 -2.78
C HIS A 16 0.49 -0.14 -4.13
N LYS A 17 0.24 1.17 -4.12
CA LYS A 17 0.22 1.93 -5.36
C LYS A 17 1.63 2.30 -5.76
N ASP A 18 2.53 1.95 -4.89
CA ASP A 18 3.94 2.11 -5.11
C ASP A 18 4.62 0.84 -4.67
N VAL A 19 4.58 -0.16 -5.52
CA VAL A 19 5.04 -1.48 -5.14
C VAL A 19 6.54 -1.48 -4.87
N ILE A 20 6.89 -1.58 -3.60
CA ILE A 20 8.27 -1.65 -3.19
C ILE A 20 8.81 -3.05 -3.47
N TRP A 21 7.88 -3.98 -3.69
CA TRP A 21 8.23 -5.37 -3.92
C TRP A 21 8.53 -5.63 -5.39
N VAL A 22 8.88 -4.56 -6.07
CA VAL A 22 9.26 -4.64 -7.47
C VAL A 22 10.61 -5.31 -7.61
N ASN A 23 11.29 -5.37 -6.49
CA ASN A 23 12.58 -6.03 -6.37
C ASN A 23 12.39 -7.45 -5.87
N ARG A 24 11.13 -7.88 -5.85
CA ARG A 24 10.74 -9.21 -5.40
C ARG A 24 11.19 -9.47 -3.96
N ASN A 25 10.90 -8.52 -3.09
CA ASN A 25 11.23 -8.62 -1.68
C ASN A 25 10.54 -7.51 -0.92
#